data_7THF
#
_entry.id   7THF
#
_cell.length_a   38.492
_cell.length_b   66.885
_cell.length_c   68.968
_cell.angle_alpha   90.000
_cell.angle_beta   90.000
_cell.angle_gamma   90.000
#
_symmetry.space_group_name_H-M   'P 2 21 21'
#
loop_
_entity.id
_entity.type
_entity.pdbx_description
1 polymer 'Peptidyl-prolyl cis-trans isomerase F, mitochondrial'
2 non-polymer "3-(4'-{[(4S,7S,11R,13E,19S)-19-{[2-(2-aminoethoxy)ethyl]carbamoyl}-7-benzyl-3,6,12,15,21-pentaoxo-1,3,4,5,6,7,8,9,10,12,15,16,17,18,19,20,21,22-octadecahydro-2H-7,11-methano-2,5,11,16,20-benzopentaazacyclotetracosin-4-yl]methyl}[1,1'-biphenyl]-4-yl)pentanedioic acid"
3 water water
#
_entity_poly.entity_id   1
_entity_poly.type   'polypeptide(L)'
_entity_poly.pdbx_seq_one_letter_code
;GNPLVYLDVDANGKPLGRVVLELKADVVPKTAENFRALCTGEKGFGYKGSTFHRVIPSFMCQAGDFTNHNGTGGKSIYGS
RFPDENFTLKHVGPGVLSMANAGPNTNGSQFFICTIKTDWLDGKHVVFGHVIEGMDVVKKIESFGSKSGRTSKKIVITDC
GQLS
;
_entity_poly.pdbx_strand_id   A
#
# COMPACT_ATOMS: atom_id res chain seq x y z
N ASN A 2 11.35 14.13 -1.90
CA ASN A 2 10.54 12.93 -2.10
C ASN A 2 9.06 13.29 -2.18
N PRO A 3 8.31 12.64 -3.06
CA PRO A 3 6.87 12.92 -3.13
C PRO A 3 6.14 12.53 -1.86
N LEU A 4 5.09 13.29 -1.55
CA LEU A 4 4.14 12.96 -0.51
C LEU A 4 2.81 12.67 -1.20
N VAL A 5 2.19 11.56 -0.81
CA VAL A 5 0.89 11.17 -1.36
C VAL A 5 -0.04 10.87 -0.20
N TYR A 6 -1.34 10.80 -0.50
CA TYR A 6 -2.36 10.57 0.52
C TYR A 6 -3.34 9.49 0.09
N LEU A 7 -3.84 8.78 1.09
CA LEU A 7 -4.98 7.87 0.96
C LEU A 7 -6.04 8.31 1.97
N ASP A 8 -7.24 8.61 1.50
CA ASP A 8 -8.37 8.86 2.39
C ASP A 8 -9.18 7.58 2.44
N VAL A 9 -9.42 7.06 3.64
CA VAL A 9 -9.95 5.70 3.81
C VAL A 9 -11.25 5.75 4.57
N ASP A 10 -12.22 4.94 4.16
CA ASP A 10 -13.47 4.79 4.89
CA ASP A 10 -13.48 4.79 4.87
C ASP A 10 -13.69 3.32 5.23
N ALA A 11 -14.58 3.10 6.20
CA ALA A 11 -14.99 1.75 6.60
C ALA A 11 -16.50 1.72 6.55
N ASN A 12 -17.07 0.87 5.69
CA ASN A 12 -18.52 0.83 5.48
C ASN A 12 -19.10 2.24 5.28
N GLY A 13 -18.40 3.06 4.52
CA GLY A 13 -18.87 4.38 4.17
C GLY A 13 -18.56 5.46 5.16
N LYS A 14 -17.96 5.12 6.31
CA LYS A 14 -17.65 6.10 7.35
C LYS A 14 -16.19 6.50 7.25
N PRO A 15 -15.87 7.78 7.10
CA PRO A 15 -14.46 8.18 6.99
C PRO A 15 -13.65 7.78 8.21
N LEU A 16 -12.47 7.24 7.96
CA LEU A 16 -11.50 6.98 9.01
C LEU A 16 -10.43 8.06 9.11
N GLY A 17 -10.24 8.83 8.06
CA GLY A 17 -9.19 9.82 8.00
C GLY A 17 -8.19 9.57 6.89
N ARG A 18 -7.12 10.36 6.94
CA ARG A 18 -6.13 10.45 5.88
C ARG A 18 -4.80 9.83 6.33
N VAL A 19 -4.23 8.99 5.46
CA VAL A 19 -2.87 8.49 5.61
C VAL A 19 -1.97 9.25 4.66
N VAL A 20 -0.91 9.86 5.18
CA VAL A 20 0.08 10.54 4.34
C VAL A 20 1.33 9.68 4.28
N LEU A 21 1.81 9.41 3.07
CA LEU A 21 2.95 8.56 2.82
C LEU A 21 4.05 9.35 2.13
N GLU A 22 5.27 9.25 2.65
CA GLU A 22 6.46 9.72 1.96
C GLU A 22 7.00 8.58 1.10
N LEU A 23 7.21 8.84 -0.18
CA LEU A 23 7.75 7.84 -1.10
C LEU A 23 9.23 8.09 -1.29
N LYS A 24 10.04 7.06 -1.08
CA LYS A 24 11.50 7.18 -1.08
C LYS A 24 12.04 7.12 -2.51
N ALA A 25 11.68 8.14 -3.30
CA ALA A 25 12.18 8.26 -4.66
C ALA A 25 13.68 8.41 -4.70
N ASP A 26 14.27 8.88 -3.60
CA ASP A 26 15.72 9.01 -3.46
C ASP A 26 16.43 7.66 -3.41
N VAL A 27 15.72 6.56 -3.15
CA VAL A 27 16.32 5.24 -3.05
C VAL A 27 15.73 4.26 -4.07
N VAL A 28 14.42 4.34 -4.30
CA VAL A 28 13.71 3.44 -5.22
C VAL A 28 12.83 4.29 -6.14
N PRO A 29 13.44 5.04 -7.06
CA PRO A 29 12.65 5.98 -7.89
C PRO A 29 11.60 5.30 -8.74
N LYS A 30 11.91 4.14 -9.32
CA LYS A 30 10.94 3.50 -10.22
C LYS A 30 9.73 2.99 -9.44
N THR A 31 9.99 2.43 -8.25
CA THR A 31 8.90 1.91 -7.43
C THR A 31 8.08 3.04 -6.84
N ALA A 32 8.75 4.10 -6.38
CA ALA A 32 8.02 5.27 -5.91
C ALA A 32 7.14 5.87 -6.99
N GLU A 33 7.66 5.97 -8.22
CA GLU A 33 6.91 6.63 -9.29
C GLU A 33 5.65 5.83 -9.65
N ASN A 34 5.76 4.50 -9.69
CA ASN A 34 4.59 3.66 -9.92
C ASN A 34 3.49 3.98 -8.92
N PHE A 35 3.83 3.97 -7.64
CA PHE A 35 2.84 4.21 -6.61
C PHE A 35 2.27 5.63 -6.73
N ARG A 36 3.15 6.62 -6.94
CA ARG A 36 2.70 8.01 -7.05
C ARG A 36 1.65 8.16 -8.14
N ALA A 37 1.94 7.62 -9.34
CA ALA A 37 1.03 7.77 -10.46
C ALA A 37 -0.27 7.01 -10.24
N LEU A 38 -0.23 5.88 -9.54
CA LEU A 38 -1.45 5.16 -9.22
C LEU A 38 -2.30 5.89 -8.18
N CYS A 39 -1.67 6.68 -7.32
CA CYS A 39 -2.44 7.53 -6.41
C CYS A 39 -3.09 8.69 -7.14
N THR A 40 -2.37 9.34 -8.06
CA THR A 40 -3.00 10.48 -8.75
C THR A 40 -4.05 10.02 -9.75
N GLY A 41 -3.95 8.80 -10.26
CA GLY A 41 -4.81 8.37 -11.32
C GLY A 41 -4.49 8.96 -12.68
N GLU A 42 -3.32 9.58 -12.85
CA GLU A 42 -3.02 10.34 -14.06
C GLU A 42 -2.96 9.48 -15.32
N LYS A 43 -2.78 8.18 -15.21
CA LYS A 43 -2.81 7.31 -16.39
C LYS A 43 -4.20 6.77 -16.69
N GLY A 44 -5.22 7.22 -15.96
CA GLY A 44 -6.58 6.81 -16.22
C GLY A 44 -7.06 5.67 -15.36
N PHE A 45 -6.19 5.11 -14.53
CA PHE A 45 -6.53 4.02 -13.63
C PHE A 45 -5.66 4.19 -12.39
N GLY A 46 -6.06 3.53 -11.31
CA GLY A 46 -5.29 3.65 -10.07
C GLY A 46 -6.13 3.23 -8.87
N TYR A 47 -5.67 3.67 -7.70
CA TYR A 47 -6.19 3.15 -6.45
C TYR A 47 -7.56 3.68 -6.06
N LYS A 48 -7.96 4.85 -6.54
CA LYS A 48 -9.18 5.46 -6.03
C LYS A 48 -10.37 4.53 -6.22
N GLY A 49 -11.12 4.32 -5.14
CA GLY A 49 -12.29 3.48 -5.15
C GLY A 49 -12.05 2.02 -4.83
N SER A 50 -10.80 1.60 -4.73
CA SER A 50 -10.50 0.21 -4.44
C SER A 50 -10.30 0.02 -2.93
N THR A 51 -9.96 -1.20 -2.51
CA THR A 51 -10.09 -1.62 -1.12
C THR A 51 -8.78 -2.06 -0.50
N PHE A 52 -8.74 -2.07 0.84
CA PHE A 52 -7.80 -2.90 1.59
C PHE A 52 -8.43 -4.28 1.68
N HIS A 53 -7.89 -5.24 0.93
CA HIS A 53 -8.55 -6.53 0.78
C HIS A 53 -8.02 -7.60 1.74
N ARG A 54 -6.86 -7.41 2.35
CA ARG A 54 -6.29 -8.39 3.27
CA ARG A 54 -6.29 -8.39 3.27
C ARG A 54 -5.64 -7.63 4.40
N VAL A 55 -6.17 -7.79 5.61
CA VAL A 55 -5.73 -7.02 6.77
C VAL A 55 -5.56 -8.00 7.91
N ILE A 56 -4.35 -8.12 8.43
CA ILE A 56 -4.03 -9.11 9.45
C ILE A 56 -3.42 -8.38 10.65
N PRO A 57 -4.07 -8.41 11.81
CA PRO A 57 -3.54 -7.71 12.98
C PRO A 57 -2.15 -8.21 13.33
N SER A 58 -1.33 -7.29 13.81
CA SER A 58 0.06 -7.57 14.16
C SER A 58 0.83 -8.12 12.96
N PHE A 59 0.47 -7.64 11.77
CA PHE A 59 1.19 -7.97 10.55
C PHE A 59 1.17 -6.76 9.62
N MET A 60 0.11 -6.59 8.83
CA MET A 60 0.09 -5.53 7.82
C MET A 60 -1.33 -5.37 7.28
N CYS A 61 -1.52 -4.26 6.57
CA CYS A 61 -2.74 -3.94 5.83
C CYS A 61 -2.39 -3.86 4.36
N GLN A 62 -3.06 -4.67 3.52
CA GLN A 62 -2.72 -4.82 2.11
C GLN A 62 -3.83 -4.29 1.21
N ALA A 63 -3.43 -3.61 0.13
CA ALA A 63 -4.34 -2.96 -0.79
C ALA A 63 -3.74 -2.98 -2.19
N GLY A 64 -4.41 -2.26 -3.11
CA GLY A 64 -3.88 -2.04 -4.44
C GLY A 64 -4.35 -3.01 -5.51
N ASP A 65 -5.22 -3.96 -5.18
CA ASP A 65 -5.77 -4.84 -6.21
C ASP A 65 -7.06 -4.23 -6.75
N PHE A 66 -6.89 -3.26 -7.65
CA PHE A 66 -8.03 -2.54 -8.18
C PHE A 66 -8.65 -3.23 -9.39
N THR A 67 -8.14 -4.40 -9.79
CA THR A 67 -8.80 -5.14 -10.86
C THR A 67 -9.65 -6.29 -10.34
N ASN A 68 -9.15 -7.05 -9.35
CA ASN A 68 -9.85 -8.24 -8.87
C ASN A 68 -10.26 -8.14 -7.40
N HIS A 69 -9.74 -7.18 -6.67
CA HIS A 69 -10.19 -6.88 -5.31
C HIS A 69 -10.00 -8.04 -4.34
N ASN A 70 -9.04 -8.93 -4.63
CA ASN A 70 -8.90 -10.12 -3.81
C ASN A 70 -7.46 -10.57 -3.62
N GLY A 71 -6.46 -9.80 -4.07
CA GLY A 71 -5.10 -10.19 -3.92
C GLY A 71 -4.48 -10.90 -5.10
N THR A 72 -5.21 -11.05 -6.21
CA THR A 72 -4.69 -11.69 -7.41
C THR A 72 -4.36 -10.71 -8.53
N GLY A 73 -4.81 -9.45 -8.46
CA GLY A 73 -4.72 -8.56 -9.60
C GLY A 73 -3.94 -7.29 -9.37
N GLY A 74 -4.29 -6.27 -10.15
CA GLY A 74 -3.60 -5.00 -10.17
C GLY A 74 -2.93 -4.74 -11.51
N LYS A 75 -2.28 -3.58 -11.59
CA LYS A 75 -1.65 -3.14 -12.83
C LYS A 75 -0.60 -2.09 -12.48
N SER A 76 0.64 -2.29 -12.94
CA SER A 76 1.67 -1.28 -12.79
C SER A 76 1.55 -0.25 -13.92
N ILE A 77 2.36 0.82 -13.82
CA ILE A 77 2.44 1.83 -14.88
C ILE A 77 3.41 1.45 -16.00
N TYR A 78 4.07 0.30 -15.90
CA TYR A 78 5.18 -0.04 -16.78
C TYR A 78 4.81 -1.06 -17.85
N GLY A 79 3.53 -1.42 -17.95
CA GLY A 79 3.07 -2.33 -18.98
C GLY A 79 3.29 -3.79 -18.69
N SER A 80 3.84 -4.14 -17.54
CA SER A 80 4.10 -5.52 -17.18
CA SER A 80 4.09 -5.52 -17.17
C SER A 80 4.48 -5.54 -15.70
N ARG A 81 4.54 -6.72 -15.13
CA ARG A 81 5.10 -6.84 -13.80
C ARG A 81 6.54 -6.36 -13.85
N PHE A 82 6.99 -5.67 -12.81
CA PHE A 82 8.29 -5.04 -12.91
C PHE A 82 9.28 -5.57 -11.87
N PRO A 83 10.58 -5.48 -12.15
CA PRO A 83 11.54 -6.13 -11.27
C PRO A 83 11.64 -5.45 -9.92
N ASP A 84 12.10 -6.24 -8.95
CA ASP A 84 12.47 -5.68 -7.65
C ASP A 84 13.63 -4.70 -7.82
N GLU A 85 13.38 -3.43 -7.55
CA GLU A 85 14.33 -2.38 -7.88
C GLU A 85 15.60 -2.52 -7.04
N ASN A 86 15.44 -2.68 -5.73
CA ASN A 86 16.50 -3.02 -4.80
C ASN A 86 15.80 -3.43 -3.52
N PHE A 87 16.57 -4.02 -2.59
CA PHE A 87 16.08 -4.36 -1.26
C PHE A 87 16.80 -3.53 -0.20
N THR A 88 17.12 -2.28 -0.55
CA THR A 88 17.89 -1.43 0.36
C THR A 88 17.15 -1.16 1.65
N LEU A 89 15.91 -0.72 1.55
CA LEU A 89 15.16 -0.32 2.73
C LEU A 89 14.53 -1.54 3.38
N LYS A 90 14.52 -1.54 4.71
CA LYS A 90 14.10 -2.71 5.47
C LYS A 90 12.74 -2.49 6.11
N HIS A 91 12.09 -3.60 6.45
CA HIS A 91 10.78 -3.58 7.11
C HIS A 91 11.03 -3.38 8.60
N VAL A 92 11.34 -2.12 8.98
CA VAL A 92 11.88 -1.84 10.30
C VAL A 92 10.83 -1.75 11.39
N GLY A 93 9.56 -1.55 11.05
CA GLY A 93 8.56 -1.33 12.05
C GLY A 93 7.24 -0.90 11.45
N PRO A 94 6.30 -0.55 12.33
CA PRO A 94 5.00 -0.05 11.87
C PRO A 94 5.17 1.17 10.97
N GLY A 95 4.33 1.26 9.95
CA GLY A 95 4.31 2.39 9.06
C GLY A 95 5.10 2.22 7.79
N VAL A 96 5.91 1.16 7.69
CA VAL A 96 6.66 0.91 6.47
C VAL A 96 5.69 0.57 5.33
N LEU A 97 5.94 1.17 4.17
CA LEU A 97 5.17 0.97 2.94
C LEU A 97 6.02 0.13 1.98
N SER A 98 5.46 -0.98 1.52
CA SER A 98 6.22 -1.98 0.78
C SER A 98 5.37 -2.62 -0.30
N MET A 99 6.02 -3.21 -1.30
CA MET A 99 5.31 -3.81 -2.41
C MET A 99 4.88 -5.24 -2.10
N ALA A 100 3.60 -5.54 -2.30
CA ALA A 100 3.17 -6.93 -2.34
C ALA A 100 3.70 -7.56 -3.62
N ASN A 101 3.82 -8.87 -3.65
CA ASN A 101 4.25 -9.56 -4.86
C ASN A 101 3.83 -11.01 -4.77
N ALA A 102 4.12 -11.76 -5.84
CA ALA A 102 3.88 -13.19 -5.92
C ALA A 102 5.19 -13.91 -6.24
N GLY A 103 6.27 -13.48 -5.61
CA GLY A 103 7.59 -13.99 -5.88
C GLY A 103 8.51 -12.94 -6.46
N PRO A 104 9.72 -13.34 -6.85
CA PRO A 104 10.72 -12.35 -7.31
C PRO A 104 10.27 -11.66 -8.60
N ASN A 105 10.49 -10.35 -8.65
CA ASN A 105 10.25 -9.58 -9.87
C ASN A 105 8.82 -9.70 -10.36
N THR A 106 7.87 -9.57 -9.44
CA THR A 106 6.44 -9.61 -9.78
C THR A 106 5.70 -8.43 -9.17
N ASN A 107 6.29 -7.25 -9.24
CA ASN A 107 5.61 -6.05 -8.74
C ASN A 107 4.55 -5.57 -9.73
N GLY A 108 3.41 -5.18 -9.19
CA GLY A 108 2.33 -4.61 -9.98
C GLY A 108 1.86 -3.32 -9.34
N SER A 109 0.66 -3.36 -8.74
CA SER A 109 0.13 -2.25 -7.98
C SER A 109 -0.14 -2.58 -6.53
N GLN A 110 -0.23 -3.84 -6.14
CA GLN A 110 -0.56 -4.17 -4.76
C GLN A 110 0.59 -3.79 -3.84
N PHE A 111 0.21 -3.34 -2.64
CA PHE A 111 1.15 -2.80 -1.68
C PHE A 111 0.63 -3.10 -0.29
N PHE A 112 1.48 -2.87 0.72
CA PHE A 112 1.06 -3.06 2.09
C PHE A 112 1.72 -2.05 3.00
N ILE A 113 1.04 -1.77 4.11
CA ILE A 113 1.55 -0.94 5.18
C ILE A 113 1.73 -1.83 6.40
N CYS A 114 2.97 -1.93 6.89
CA CYS A 114 3.26 -2.79 8.02
C CYS A 114 2.67 -2.20 9.31
N THR A 115 2.24 -3.08 10.21
CA THR A 115 1.83 -2.66 11.54
C THR A 115 2.74 -3.22 12.61
N ILE A 116 3.84 -3.85 12.22
CA ILE A 116 4.87 -4.40 13.09
C ILE A 116 6.14 -4.43 12.24
N LYS A 117 7.29 -4.66 12.87
CA LYS A 117 8.51 -5.00 12.16
C LYS A 117 8.32 -6.36 11.49
N THR A 118 8.29 -6.39 10.15
CA THR A 118 8.13 -7.64 9.40
C THR A 118 9.48 -8.04 8.79
N ASP A 119 10.47 -8.29 9.64
CA ASP A 119 11.83 -8.48 9.16
C ASP A 119 11.99 -9.73 8.29
N TRP A 120 11.10 -10.70 8.42
CA TRP A 120 11.16 -11.88 7.57
C TRP A 120 10.82 -11.58 6.12
N LEU A 121 10.35 -10.38 5.82
CA LEU A 121 10.11 -9.95 4.44
C LEU A 121 11.29 -9.20 3.85
N ASP A 122 12.31 -8.89 4.64
CA ASP A 122 13.47 -8.19 4.13
C ASP A 122 14.14 -9.03 3.04
N GLY A 123 14.46 -8.40 1.92
CA GLY A 123 15.04 -9.11 0.81
C GLY A 123 14.05 -9.83 -0.07
N LYS A 124 12.76 -9.77 0.26
CA LYS A 124 11.70 -10.41 -0.50
C LYS A 124 10.67 -9.45 -1.04
N HIS A 125 10.40 -8.36 -0.34
CA HIS A 125 9.47 -7.32 -0.77
C HIS A 125 10.21 -5.99 -0.76
N VAL A 126 9.95 -5.18 -1.79
CA VAL A 126 10.64 -3.89 -1.95
C VAL A 126 9.93 -2.83 -1.12
N VAL A 127 10.62 -2.34 -0.10
CA VAL A 127 10.16 -1.21 0.70
C VAL A 127 10.42 0.07 -0.08
N PHE A 128 9.43 0.97 -0.07
CA PHE A 128 9.55 2.18 -0.86
C PHE A 128 8.99 3.44 -0.20
N GLY A 129 8.60 3.40 1.07
CA GLY A 129 8.10 4.61 1.70
C GLY A 129 7.70 4.34 3.14
N HIS A 130 7.02 5.32 3.73
CA HIS A 130 6.62 5.20 5.12
CA HIS A 130 6.62 5.20 5.12
CA HIS A 130 6.64 5.22 5.13
C HIS A 130 5.52 6.21 5.42
N VAL A 131 4.69 5.86 6.40
CA VAL A 131 3.65 6.74 6.89
C VAL A 131 4.28 7.89 7.66
N ILE A 132 3.87 9.12 7.35
CA ILE A 132 4.29 10.28 8.11
C ILE A 132 3.14 10.96 8.84
N GLU A 133 1.91 10.62 8.55
CA GLU A 133 0.73 11.14 9.23
C GLU A 133 -0.35 10.10 9.06
N GLY A 134 -1.17 9.91 10.08
CA GLY A 134 -2.28 8.99 9.96
C GLY A 134 -1.98 7.57 10.31
N MET A 135 -0.92 7.30 11.07
CA MET A 135 -0.74 5.94 11.56
C MET A 135 -1.95 5.48 12.35
N ASP A 136 -2.64 6.40 13.04
CA ASP A 136 -3.85 6.00 13.76
C ASP A 136 -4.94 5.50 12.80
N VAL A 137 -4.99 6.05 11.58
CA VAL A 137 -5.92 5.52 10.58
C VAL A 137 -5.53 4.10 10.21
N VAL A 138 -4.24 3.86 10.01
CA VAL A 138 -3.78 2.50 9.73
C VAL A 138 -4.16 1.56 10.87
N LYS A 139 -3.99 2.00 12.13
CA LYS A 139 -4.38 1.16 13.25
C LYS A 139 -5.88 0.87 13.24
N LYS A 140 -6.70 1.84 12.81
CA LYS A 140 -8.13 1.59 12.71
CA LYS A 140 -8.13 1.59 12.70
C LYS A 140 -8.42 0.56 11.62
N ILE A 141 -7.77 0.68 10.46
CA ILE A 141 -7.92 -0.34 9.41
C ILE A 141 -7.57 -1.71 9.98
N GLU A 142 -6.42 -1.79 10.66
CA GLU A 142 -5.95 -3.04 11.23
C GLU A 142 -6.97 -3.65 12.17
N SER A 143 -7.69 -2.81 12.93
CA SER A 143 -8.66 -3.31 13.88
C SER A 143 -9.84 -4.00 13.21
N PHE A 144 -10.04 -3.81 11.91
CA PHE A 144 -11.09 -4.49 11.15
C PHE A 144 -10.55 -5.73 10.44
N GLY A 145 -9.32 -6.13 10.71
CA GLY A 145 -8.76 -7.32 10.13
C GLY A 145 -9.08 -8.57 10.93
N SER A 146 -8.44 -9.67 10.52
CA SER A 146 -8.70 -10.97 11.13
C SER A 146 -7.52 -11.88 10.83
N LYS A 147 -7.55 -13.05 11.47
CA LYS A 147 -6.49 -14.03 11.25
C LYS A 147 -6.39 -14.42 9.77
N SER A 148 -7.52 -14.60 9.10
CA SER A 148 -7.52 -14.96 7.70
C SER A 148 -7.17 -13.79 6.79
N GLY A 149 -7.24 -12.57 7.30
CA GLY A 149 -7.08 -11.37 6.51
C GLY A 149 -8.37 -10.79 5.97
N ARG A 150 -9.47 -11.53 6.06
CA ARG A 150 -10.76 -10.97 5.65
C ARG A 150 -11.14 -9.84 6.60
N THR A 151 -11.62 -8.74 6.03
CA THR A 151 -11.99 -7.59 6.84
C THR A 151 -13.43 -7.71 7.32
N SER A 152 -13.71 -7.11 8.47
CA SER A 152 -15.04 -7.14 9.05
C SER A 152 -15.90 -5.94 8.65
N LYS A 153 -15.31 -4.98 7.95
CA LYS A 153 -16.00 -3.89 7.28
C LYS A 153 -15.30 -3.71 5.94
N LYS A 154 -16.00 -3.11 4.98
CA LYS A 154 -15.40 -2.85 3.68
C LYS A 154 -14.56 -1.58 3.78
N ILE A 155 -13.26 -1.73 3.56
CA ILE A 155 -12.29 -0.66 3.75
C ILE A 155 -11.91 -0.12 2.39
N VAL A 156 -12.31 1.11 2.09
CA VAL A 156 -12.17 1.69 0.76
C VAL A 156 -11.28 2.91 0.78
N ILE A 157 -10.40 3.01 -0.22
CA ILE A 157 -9.64 4.23 -0.51
C ILE A 157 -10.59 5.14 -1.28
N THR A 158 -11.27 6.03 -0.56
CA THR A 158 -12.30 6.85 -1.22
C THR A 158 -11.68 7.94 -2.06
N ASP A 159 -10.50 8.41 -1.70
CA ASP A 159 -9.77 9.36 -2.52
C ASP A 159 -8.30 9.12 -2.27
N CYS A 160 -7.48 9.54 -3.22
CA CYS A 160 -6.03 9.44 -3.07
C CYS A 160 -5.42 10.38 -4.12
N GLY A 161 -4.16 10.71 -3.92
CA GLY A 161 -3.52 11.65 -4.81
C GLY A 161 -2.18 12.09 -4.25
N GLN A 162 -1.63 13.12 -4.88
CA GLN A 162 -0.33 13.66 -4.52
C GLN A 162 -0.51 14.97 -3.77
N LEU A 163 0.21 15.11 -2.66
CA LEU A 163 0.22 16.35 -1.90
C LEU A 163 1.32 17.28 -2.39
N SER A 164 2.53 16.76 -2.54
CA SER A 164 3.65 17.56 -3.04
C SER A 164 4.69 16.64 -3.69
#